data_6FKQ
#
_entry.id   6FKQ
#
_cell.length_a   130.794
_cell.length_b   130.794
_cell.length_c   183.870
_cell.angle_alpha   90.00
_cell.angle_beta   90.00
_cell.angle_gamma   120.00
#
_symmetry.space_group_name_H-M   'P 64 2 2'
#
loop_
_entity.id
_entity.type
_entity.pdbx_description
1 polymer Netrin-1
2 polymer Draxin
3 branched 2-acetamido-2-deoxy-beta-D-glucopyranose-(1-4)-2-acetamido-2-deoxy-beta-D-glucopyranose
4 branched 2-acetamido-2-deoxy-beta-D-glucopyranose-(1-4)-2-acetamido-2-deoxy-beta-D-glucopyranose-(1-4)-2-acetamido-2-deoxy-beta-D-glucopyranose
5 non-polymer 'CALCIUM ION'
6 non-polymer 'SULFATE ION'
7 non-polymer GLYCEROL
#
loop_
_entity_poly.entity_id
_entity_poly.type
_entity_poly.pdbx_seq_one_letter_code
_entity_poly.pdbx_strand_id
1 'polypeptide(L)'
;DPCSDENGHPRRCIPDFVNAAFGKDVRVSSTCGRPPARYCVVSERGEERLRSCHLCNASDPKKAHPPAFLTDLNNPHNLT
CWQSENYLQFPHNVTLTLSLGKKFEVTYVSLQFCSPRPESMAIYKSMDYGRTWVPFQFYSTQCRKMYNRPHRAPITKQNE
QEAVCTDSHTDMRPLSGGLIAFSTLDGRPSAHDFDNSPVLQDWVTATDIRVAFSRLHTFGDENEDDSELARDSYFYAVSD
LQVGGRCKCNGHAARCVRDRDDSLVCDCRHNTAGPECDRCKPFHYDRPWQRATAREANECVACNCNLHARRCRFNMELYK
LSGRKSGGVCLNCRHNTAGRHCHYCKEGYYRDMGKPITHRKACKACDCHPVGAAGKTCNQTTGQCPCKDGVTGITCNRCA
KGYQQSRSPIAPCIK
;
A
2 'polypeptide(L)' MPTLDMALFDWTDYEDLKP B
#
# COMPACT_ATOMS: atom_id res chain seq x y z
N ASP A 1 12.04 -6.06 17.29
CA ASP A 1 11.87 -6.07 15.78
C ASP A 1 11.63 -7.50 15.24
N PRO A 2 10.36 -7.85 14.93
CA PRO A 2 10.12 -9.19 14.43
C PRO A 2 10.42 -9.34 12.94
N CYS A 3 10.71 -8.24 12.23
CA CYS A 3 10.97 -8.27 10.78
C CYS A 3 12.35 -8.80 10.34
N SER A 4 13.28 -8.91 11.29
CA SER A 4 14.52 -9.71 11.13
C SER A 4 14.74 -10.60 12.35
N ASP A 5 15.54 -11.65 12.17
CA ASP A 5 15.76 -12.66 13.21
C ASP A 5 16.80 -12.17 14.24
N GLU A 6 17.36 -13.09 15.02
CA GLU A 6 18.39 -12.79 16.05
C GLU A 6 19.66 -12.23 15.40
N ASN A 7 20.04 -12.86 14.30
CA ASN A 7 21.11 -12.36 13.41
C ASN A 7 20.49 -11.24 12.54
N GLY A 8 21.23 -10.72 11.56
CA GLY A 8 20.71 -9.62 10.74
C GLY A 8 19.57 -9.94 9.77
N HIS A 9 19.35 -11.22 9.48
CA HIS A 9 18.66 -11.63 8.24
C HIS A 9 17.14 -11.51 8.32
N PRO A 10 16.50 -10.87 7.32
CA PRO A 10 15.05 -10.65 7.34
C PRO A 10 14.21 -11.92 7.47
N ARG A 11 13.00 -11.76 8.03
CA ARG A 11 11.99 -12.84 8.13
C ARG A 11 10.60 -12.23 7.93
N ARG A 12 9.62 -13.05 7.53
CA ARG A 12 8.24 -12.56 7.31
C ARG A 12 7.73 -11.96 8.61
N CYS A 13 7.17 -10.74 8.54
CA CYS A 13 6.52 -10.11 9.68
C CYS A 13 5.13 -9.57 9.34
N ILE A 14 4.23 -9.69 10.31
CA ILE A 14 2.82 -9.35 10.19
C ILE A 14 2.55 -8.34 11.29
N PRO A 15 1.76 -7.30 11.01
CA PRO A 15 1.42 -6.40 12.12
C PRO A 15 0.42 -6.98 13.12
N ASP A 16 0.20 -6.26 14.22
CA ASP A 16 -0.66 -6.75 15.29
C ASP A 16 -2.17 -6.54 15.01
N PHE A 17 -3.01 -7.48 15.48
CA PHE A 17 -4.48 -7.34 15.46
C PHE A 17 -4.89 -6.27 16.43
N VAL A 18 -5.83 -5.41 16.04
CA VAL A 18 -6.23 -4.29 16.87
C VAL A 18 -7.66 -3.86 16.62
N ASN A 19 -8.15 -2.94 17.45
CA ASN A 19 -9.37 -2.21 17.11
C ASN A 19 -8.95 -1.16 16.09
N ALA A 20 -9.07 -1.53 14.82
CA ALA A 20 -8.82 -0.59 13.74
C ALA A 20 -9.71 0.64 13.80
N ALA A 21 -10.87 0.57 14.44
CA ALA A 21 -11.69 1.76 14.54
C ALA A 21 -11.21 2.79 15.57
N PHE A 22 -10.38 2.41 16.53
CA PHE A 22 -10.18 3.26 17.72
C PHE A 22 -9.65 4.63 17.37
N GLY A 23 -10.24 5.65 17.96
CA GLY A 23 -9.87 7.02 17.67
C GLY A 23 -10.11 7.55 16.25
N LYS A 24 -10.68 6.75 15.34
CA LYS A 24 -10.85 7.18 13.96
C LYS A 24 -12.14 7.99 13.73
N ASP A 25 -12.09 8.96 12.84
CA ASP A 25 -13.29 9.72 12.45
C ASP A 25 -14.22 8.89 11.56
N VAL A 26 -15.41 8.63 12.07
CA VAL A 26 -16.44 7.91 11.33
C VAL A 26 -17.34 8.94 10.66
N ARG A 27 -17.62 8.72 9.38
CA ARG A 27 -18.48 9.61 8.61
C ARG A 27 -19.95 9.20 8.81
N VAL A 28 -20.79 10.16 9.18
CA VAL A 28 -22.19 9.84 9.49
C VAL A 28 -23.20 10.61 8.66
N SER A 29 -24.32 9.98 8.36
CA SER A 29 -25.37 10.59 7.58
C SER A 29 -26.21 11.55 8.42
N SER A 30 -26.14 11.44 9.75
CA SER A 30 -27.01 12.22 10.64
C SER A 30 -26.44 12.41 12.06
N THR A 31 -26.65 13.60 12.62
CA THR A 31 -26.23 13.91 14.00
C THR A 31 -27.12 15.02 14.54
N CYS A 32 -27.79 14.80 15.66
CA CYS A 32 -28.69 15.83 16.19
C CYS A 32 -27.90 17.07 16.58
N GLY A 33 -28.59 18.20 16.75
CA GLY A 33 -27.99 19.42 17.32
C GLY A 33 -27.79 20.62 16.41
N ARG A 34 -27.88 20.40 15.10
CA ARG A 34 -27.75 21.46 14.10
C ARG A 34 -28.99 21.47 13.23
N PRO A 35 -29.98 22.32 13.50
CA PRO A 35 -30.10 23.14 14.72
C PRO A 35 -30.49 22.31 15.94
N PRO A 36 -30.32 22.87 17.16
CA PRO A 36 -30.62 22.10 18.38
C PRO A 36 -32.09 21.71 18.46
N ALA A 37 -32.40 20.61 19.15
CA ALA A 37 -33.76 20.08 19.20
C ALA A 37 -33.91 19.03 20.26
N ARG A 38 -35.15 18.83 20.69
CA ARG A 38 -35.48 18.01 21.87
C ARG A 38 -35.47 16.55 21.49
N TYR A 39 -34.95 15.72 22.40
CA TYR A 39 -35.10 14.26 22.34
C TYR A 39 -35.59 13.76 23.70
N CYS A 40 -36.20 12.57 23.71
CA CYS A 40 -36.73 11.98 24.94
C CYS A 40 -36.22 10.57 25.18
N VAL A 41 -35.86 10.29 26.42
CA VAL A 41 -35.40 8.97 26.83
C VAL A 41 -36.59 8.24 27.47
N VAL A 42 -36.94 7.10 26.91
CA VAL A 42 -38.03 6.30 27.43
C VAL A 42 -37.51 5.12 28.20
N SER A 43 -38.03 4.95 29.41
CA SER A 43 -37.73 3.79 30.26
C SER A 43 -39.06 3.09 30.59
N GLU A 44 -38.99 1.82 30.99
CA GLU A 44 -40.19 1.11 31.45
C GLU A 44 -39.92 0.50 32.82
N ARG A 45 -40.91 0.62 33.71
CA ARG A 45 -40.98 -0.19 34.90
C ARG A 45 -42.35 -0.86 34.92
N GLY A 46 -42.36 -2.15 34.59
CA GLY A 46 -43.58 -2.94 34.54
C GLY A 46 -44.69 -2.32 33.72
N GLU A 47 -45.76 -1.90 34.39
CA GLU A 47 -46.96 -1.42 33.72
C GLU A 47 -46.77 -0.06 33.06
N GLU A 48 -45.81 0.71 33.56
CA GLU A 48 -45.63 2.09 33.15
C GLU A 48 -44.40 2.29 32.26
N ARG A 49 -44.46 3.35 31.45
CA ARG A 49 -43.33 3.84 30.68
C ARG A 49 -43.09 5.28 31.08
N LEU A 50 -41.85 5.57 31.49
CA LEU A 50 -41.47 6.86 32.02
C LEU A 50 -40.65 7.54 30.95
N ARG A 51 -40.60 8.87 30.99
CA ARG A 51 -39.97 9.63 29.94
C ARG A 51 -39.30 10.88 30.45
N SER A 52 -38.00 10.99 30.21
CA SER A 52 -37.27 12.19 30.51
C SER A 52 -36.96 12.79 29.16
N CYS A 53 -36.89 14.11 29.10
CA CYS A 53 -36.51 14.79 27.87
C CYS A 53 -35.31 15.73 28.05
N HIS A 54 -34.64 15.98 26.94
CA HIS A 54 -33.38 16.71 26.93
C HIS A 54 -33.19 17.39 25.59
N LEU A 55 -32.29 18.38 25.58
CA LEU A 55 -31.88 19.06 24.37
C LEU A 55 -30.59 18.48 23.80
N CYS A 56 -30.65 18.11 22.53
CA CYS A 56 -29.44 17.87 21.76
C CYS A 56 -29.01 19.22 21.21
N ASN A 57 -27.82 19.68 21.63
CA ASN A 57 -27.21 20.93 21.13
C ASN A 57 -25.75 20.66 20.70
N ALA A 58 -25.53 20.77 19.39
CA ALA A 58 -24.23 20.50 18.79
C ALA A 58 -23.24 21.57 19.23
N SER A 59 -23.69 22.81 19.14
CA SER A 59 -22.89 23.97 19.55
C SER A 59 -22.47 24.04 21.03
N ASP A 60 -22.97 23.14 21.88
CA ASP A 60 -22.60 23.09 23.31
C ASP A 60 -22.06 21.71 23.56
N PRO A 61 -20.74 21.60 23.88
CA PRO A 61 -20.15 20.30 24.18
C PRO A 61 -20.77 19.51 25.31
N LYS A 62 -21.34 20.17 26.30
CA LYS A 62 -22.02 19.44 27.38
C LYS A 62 -23.34 18.78 26.95
N LYS A 63 -23.90 19.19 25.81
CA LYS A 63 -25.14 18.60 25.28
C LYS A 63 -25.00 18.07 23.84
N ALA A 64 -23.77 17.89 23.38
CA ALA A 64 -23.55 17.41 22.01
C ALA A 64 -23.38 15.89 21.99
N HIS A 65 -23.56 15.32 20.80
CA HIS A 65 -23.50 13.85 20.60
C HIS A 65 -22.87 13.54 19.24
N PRO A 66 -21.63 13.99 19.05
CA PRO A 66 -20.99 13.90 17.75
C PRO A 66 -20.37 12.54 17.47
N PRO A 67 -19.92 12.31 16.24
CA PRO A 67 -19.40 11.01 15.84
C PRO A 67 -18.16 10.61 16.56
N ALA A 68 -17.30 11.57 16.88
CA ALA A 68 -16.13 11.26 17.68
C ALA A 68 -16.40 10.27 18.86
N PHE A 69 -17.59 10.33 19.45
CA PHE A 69 -18.00 9.44 20.55
C PHE A 69 -18.17 7.96 20.22
N LEU A 70 -18.25 7.65 18.92
CA LEU A 70 -18.27 6.28 18.43
C LEU A 70 -16.95 5.56 18.65
N THR A 71 -15.85 6.28 18.48
CA THR A 71 -14.49 5.69 18.56
C THR A 71 -13.62 6.18 19.72
N ASP A 72 -14.20 6.96 20.62
CA ASP A 72 -13.47 7.35 21.84
C ASP A 72 -13.30 6.19 22.78
N LEU A 73 -12.54 6.46 23.84
CA LEU A 73 -12.34 5.51 24.91
C LEU A 73 -13.69 5.24 25.55
N ASN A 74 -14.04 3.96 25.74
CA ASN A 74 -15.33 3.64 26.37
C ASN A 74 -15.10 3.24 27.81
N ASN A 75 -15.33 4.23 28.68
CA ASN A 75 -15.48 4.01 30.10
C ASN A 75 -16.95 3.66 30.33
N PRO A 76 -17.20 2.45 30.83
CA PRO A 76 -18.59 2.03 31.13
C PRO A 76 -19.42 2.89 32.10
N HIS A 77 -18.80 3.81 32.85
CA HIS A 77 -19.50 4.69 33.79
C HIS A 77 -19.41 6.15 33.40
N ASN A 78 -18.97 6.43 32.18
CA ASN A 78 -19.02 7.77 31.59
C ASN A 78 -19.15 7.47 30.11
N LEU A 79 -20.27 6.87 29.73
CA LEU A 79 -20.50 6.50 28.34
C LEU A 79 -20.72 7.72 27.48
N THR A 80 -20.26 7.65 26.24
CA THR A 80 -20.46 8.70 25.26
C THR A 80 -21.01 8.07 24.00
N CYS A 81 -22.22 8.52 23.65
CA CYS A 81 -22.95 8.07 22.46
C CYS A 81 -23.09 9.16 21.42
N TRP A 82 -22.80 8.79 20.18
CA TRP A 82 -23.28 9.53 19.02
C TRP A 82 -24.77 9.29 18.97
N GLN A 83 -25.52 10.31 18.55
CA GLN A 83 -26.96 10.22 18.47
C GLN A 83 -27.45 10.82 17.17
N SER A 84 -28.24 10.04 16.42
CA SER A 84 -28.82 10.51 15.16
C SER A 84 -29.98 11.48 15.41
N GLU A 85 -30.41 12.13 14.35
CA GLU A 85 -31.58 12.97 14.42
C GLU A 85 -32.80 12.11 14.68
N ASN A 86 -33.85 12.73 15.19
CA ASN A 86 -35.00 12.00 15.66
C ASN A 86 -35.90 11.57 14.55
N TYR A 87 -36.21 10.28 14.55
CA TYR A 87 -37.22 9.68 13.72
C TYR A 87 -36.91 9.73 12.23
N LEU A 88 -35.80 9.12 11.85
CA LEU A 88 -35.52 8.91 10.43
C LEU A 88 -35.84 7.44 10.12
N GLN A 89 -37.12 7.22 9.79
CA GLN A 89 -37.72 5.89 9.90
C GLN A 89 -37.55 5.05 8.64
N PHE A 90 -38.08 5.51 7.54
CA PHE A 90 -37.97 4.70 6.39
C PHE A 90 -38.44 5.60 5.28
N PRO A 91 -37.94 5.45 3.99
CA PRO A 91 -36.80 4.52 3.83
C PRO A 91 -35.48 5.05 4.35
N HIS A 92 -35.47 6.24 4.94
CA HIS A 92 -34.29 6.89 5.50
C HIS A 92 -33.30 5.92 6.01
N ASN A 93 -32.06 6.00 5.54
CA ASN A 93 -31.04 5.11 5.97
C ASN A 93 -30.02 5.96 6.67
N VAL A 94 -29.59 5.62 7.85
CA VAL A 94 -28.55 6.36 8.52
C VAL A 94 -27.39 5.40 8.72
N THR A 95 -26.20 5.95 8.42
CA THR A 95 -25.02 5.17 8.12
C THR A 95 -23.80 5.66 8.86
N LEU A 96 -23.00 4.73 9.32
CA LEU A 96 -21.73 5.03 9.89
C LEU A 96 -20.77 4.36 8.95
N THR A 97 -19.81 5.13 8.44
CA THR A 97 -18.86 4.67 7.44
C THR A 97 -17.42 4.93 7.92
N LEU A 98 -16.61 3.88 8.01
CA LEU A 98 -15.24 3.99 8.51
C LEU A 98 -14.32 3.63 7.38
N SER A 99 -13.60 4.62 6.88
CA SER A 99 -12.70 4.47 5.74
C SER A 99 -11.30 4.39 6.30
N LEU A 100 -10.67 3.24 6.16
CA LEU A 100 -9.29 3.04 6.61
C LEU A 100 -8.21 3.47 5.59
N GLY A 101 -8.62 3.75 4.35
CA GLY A 101 -7.68 4.15 3.29
C GLY A 101 -6.54 3.17 3.05
N LYS A 102 -6.75 1.90 3.40
CA LYS A 102 -5.69 0.93 3.52
C LYS A 102 -6.33 -0.43 3.67
N LYS A 103 -5.83 -1.46 2.99
CA LYS A 103 -6.41 -2.79 3.12
C LYS A 103 -6.13 -3.39 4.53
N PHE A 104 -7.20 -3.81 5.21
CA PHE A 104 -7.14 -4.54 6.49
C PHE A 104 -7.73 -5.91 6.35
N GLU A 105 -7.31 -6.85 7.20
CA GLU A 105 -8.08 -8.08 7.44
C GLU A 105 -9.02 -7.83 8.62
N VAL A 106 -10.33 -7.79 8.35
CA VAL A 106 -11.37 -7.60 9.37
C VAL A 106 -11.70 -8.95 10.05
N THR A 107 -11.71 -8.95 11.38
CA THR A 107 -12.10 -10.15 12.13
C THR A 107 -13.41 -9.99 12.89
N TYR A 108 -13.74 -8.78 13.32
CA TYR A 108 -15.11 -8.51 13.78
C TYR A 108 -15.55 -7.07 13.56
N VAL A 109 -16.85 -6.84 13.73
CA VAL A 109 -17.41 -5.50 13.84
C VAL A 109 -18.37 -5.53 15.02
N SER A 110 -18.19 -4.61 15.96
CA SER A 110 -19.02 -4.51 17.15
C SER A 110 -19.67 -3.13 17.26
N LEU A 111 -20.95 -3.12 17.61
CA LEU A 111 -21.70 -1.90 17.99
C LEU A 111 -22.30 -2.05 19.37
N GLN A 112 -22.32 -0.95 20.12
CA GLN A 112 -22.99 -0.89 21.41
C GLN A 112 -23.92 0.32 21.38
N PHE A 113 -25.22 0.09 21.53
CA PHE A 113 -26.23 1.12 21.37
C PHE A 113 -26.64 1.73 22.70
N CYS A 114 -27.01 3.00 22.69
CA CYS A 114 -27.61 3.69 23.84
C CYS A 114 -29.10 3.86 23.66
N SER A 115 -29.57 3.50 22.47
CA SER A 115 -30.98 3.46 22.14
C SER A 115 -31.34 2.00 21.96
N PRO A 116 -32.62 1.74 21.73
CA PRO A 116 -32.93 0.38 21.33
C PRO A 116 -32.22 0.10 20.03
N ARG A 117 -31.94 -1.15 19.77
CA ARG A 117 -31.21 -1.54 18.57
C ARG A 117 -32.05 -1.31 17.31
N PRO A 118 -31.43 -1.40 16.13
CA PRO A 118 -32.28 -1.22 14.95
C PRO A 118 -33.18 -2.44 14.77
N GLU A 119 -34.36 -2.20 14.19
CA GLU A 119 -35.24 -3.27 13.72
C GLU A 119 -34.58 -3.97 12.54
N SER A 120 -34.06 -3.16 11.62
CA SER A 120 -33.33 -3.65 10.46
C SER A 120 -32.01 -2.87 10.29
N MET A 121 -30.93 -3.59 10.04
CA MET A 121 -29.63 -2.96 9.77
C MET A 121 -28.69 -3.90 9.03
N ALA A 122 -27.66 -3.28 8.44
CA ALA A 122 -26.74 -3.98 7.55
C ALA A 122 -25.31 -3.50 7.75
N ILE A 123 -24.37 -4.46 7.74
CA ILE A 123 -22.93 -4.17 7.73
C ILE A 123 -22.40 -4.44 6.33
N TYR A 124 -21.65 -3.47 5.79
CA TYR A 124 -21.04 -3.57 4.48
C TYR A 124 -19.53 -3.37 4.60
N LYS A 125 -18.78 -3.95 3.66
CA LYS A 125 -17.37 -3.60 3.45
C LYS A 125 -17.22 -2.99 2.09
N SER A 126 -16.17 -2.18 1.90
CA SER A 126 -15.63 -1.86 0.56
C SER A 126 -14.22 -2.42 0.44
N MET A 127 -13.94 -2.99 -0.73
CA MET A 127 -12.60 -3.44 -1.07
C MET A 127 -11.84 -2.45 -1.96
N ASP A 128 -12.53 -1.42 -2.45
CA ASP A 128 -11.93 -0.49 -3.40
C ASP A 128 -12.11 0.95 -2.96
N TYR A 129 -11.73 1.20 -1.72
CA TYR A 129 -11.79 2.53 -1.09
C TYR A 129 -13.26 2.99 -1.09
N GLY A 130 -13.62 4.16 -1.55
CA GLY A 130 -15.05 4.51 -1.59
C GLY A 130 -16.00 3.63 -2.42
N ARG A 131 -15.54 3.13 -3.57
CA ARG A 131 -16.38 2.99 -4.77
C ARG A 131 -17.53 1.99 -4.69
N THR A 132 -17.22 0.71 -4.59
CA THR A 132 -18.24 -0.36 -4.47
C THR A 132 -18.46 -0.83 -3.00
N TRP A 133 -19.68 -1.29 -2.69
CA TRP A 133 -20.02 -1.80 -1.37
C TRP A 133 -20.58 -3.21 -1.45
N VAL A 134 -20.04 -4.13 -0.67
CA VAL A 134 -20.58 -5.48 -0.60
C VAL A 134 -21.06 -5.79 0.82
N PRO A 135 -22.03 -6.70 0.96
CA PRO A 135 -22.59 -6.95 2.27
C PRO A 135 -21.85 -8.04 3.01
N PHE A 136 -21.60 -7.77 4.29
CA PHE A 136 -21.04 -8.71 5.24
C PHE A 136 -22.16 -9.50 5.90
N GLN A 137 -23.23 -8.81 6.30
CA GLN A 137 -24.27 -9.34 7.21
C GLN A 137 -25.48 -8.42 7.25
N PHE A 138 -26.66 -9.04 7.35
CA PHE A 138 -27.90 -8.30 7.64
C PHE A 138 -28.52 -8.76 8.95
N TYR A 139 -29.33 -7.88 9.54
CA TYR A 139 -30.05 -8.13 10.75
C TYR A 139 -31.42 -7.52 10.56
N SER A 140 -32.47 -8.34 10.55
CA SER A 140 -33.84 -7.85 10.42
C SER A 140 -34.90 -8.85 10.84
N THR A 141 -36.07 -8.30 11.19
CA THR A 141 -37.27 -9.09 11.47
C THR A 141 -38.05 -9.40 10.20
N GLN A 142 -37.63 -8.83 9.07
CA GLN A 142 -38.23 -9.14 7.78
C GLN A 142 -37.17 -9.20 6.69
N CYS A 143 -36.36 -10.24 6.73
CA CYS A 143 -35.29 -10.41 5.77
C CYS A 143 -35.68 -10.36 4.30
N ARG A 144 -36.67 -11.15 3.85
CA ARG A 144 -37.11 -11.13 2.42
C ARG A 144 -37.73 -9.77 2.09
N LYS A 145 -38.62 -9.29 2.96
CA LYS A 145 -39.31 -8.00 2.71
C LYS A 145 -38.36 -6.79 2.66
N MET A 146 -37.31 -6.80 3.49
CA MET A 146 -36.45 -5.62 3.71
C MET A 146 -35.16 -5.62 2.91
N TYR A 147 -34.46 -6.76 2.87
CA TYR A 147 -33.14 -6.88 2.21
C TYR A 147 -33.10 -7.92 1.09
N ASN A 148 -34.26 -8.48 0.71
CA ASN A 148 -34.33 -9.54 -0.31
C ASN A 148 -33.27 -10.63 -0.10
N ARG A 149 -33.16 -11.10 1.14
CA ARG A 149 -32.40 -12.31 1.46
C ARG A 149 -33.34 -13.22 2.24
N PRO A 150 -33.10 -14.52 2.25
CA PRO A 150 -33.91 -15.38 3.10
C PRO A 150 -33.42 -15.40 4.56
N HIS A 151 -34.33 -15.68 5.49
CA HIS A 151 -33.97 -15.77 6.91
C HIS A 151 -32.99 -16.93 7.16
N ARG A 152 -32.00 -16.69 8.02
CA ARG A 152 -30.96 -17.67 8.42
C ARG A 152 -30.56 -18.70 7.35
N ALA A 153 -30.26 -18.19 6.15
CA ALA A 153 -29.77 -19.00 5.04
C ALA A 153 -28.49 -19.72 5.46
N PRO A 154 -28.42 -21.03 5.26
CA PRO A 154 -27.26 -21.79 5.78
C PRO A 154 -26.02 -21.56 4.92
N ILE A 155 -24.91 -21.24 5.58
CA ILE A 155 -23.69 -20.89 4.89
C ILE A 155 -23.06 -22.20 4.47
N THR A 156 -22.58 -22.23 3.24
CA THR A 156 -22.11 -23.44 2.61
C THR A 156 -20.88 -23.18 1.70
N LYS A 157 -20.09 -24.23 1.47
CA LYS A 157 -18.93 -24.19 0.54
C LYS A 157 -19.27 -23.52 -0.78
N GLN A 158 -20.41 -23.90 -1.35
CA GLN A 158 -20.89 -23.40 -2.65
C GLN A 158 -20.73 -21.89 -2.75
N ASN A 159 -21.26 -21.16 -1.75
CA ASN A 159 -20.94 -19.73 -1.53
C ASN A 159 -20.66 -19.40 -0.05
N GLU A 160 -19.37 -19.29 0.25
CA GLU A 160 -18.89 -19.05 1.59
C GLU A 160 -18.86 -17.58 1.94
N GLN A 161 -19.19 -16.70 1.00
CA GLN A 161 -19.24 -15.26 1.30
C GLN A 161 -20.65 -14.73 1.49
N GLU A 162 -21.56 -15.63 1.86
CA GLU A 162 -22.97 -15.29 1.87
C GLU A 162 -23.30 -14.29 2.96
N ALA A 163 -23.80 -13.12 2.56
CA ALA A 163 -24.30 -12.17 3.53
C ALA A 163 -25.59 -12.71 4.11
N VAL A 164 -25.47 -13.31 5.29
CA VAL A 164 -26.63 -13.83 5.99
C VAL A 164 -27.49 -12.69 6.52
N CYS A 165 -28.80 -12.92 6.51
CA CYS A 165 -29.73 -12.08 7.22
C CYS A 165 -30.22 -12.89 8.38
N THR A 166 -30.61 -12.22 9.45
CA THR A 166 -31.05 -12.91 10.67
C THR A 166 -31.89 -11.98 11.53
N ASP A 167 -32.88 -12.55 12.18
CA ASP A 167 -33.69 -11.82 13.16
C ASP A 167 -33.00 -11.74 14.52
N SER A 168 -31.89 -12.47 14.72
CA SER A 168 -31.13 -12.37 15.98
C SER A 168 -30.50 -11.00 16.18
N HIS A 169 -30.50 -10.56 17.44
CA HIS A 169 -29.99 -9.25 17.84
C HIS A 169 -30.79 -8.06 17.27
N THR A 170 -32.10 -8.26 17.07
CA THR A 170 -33.01 -7.22 16.53
C THR A 170 -34.09 -6.69 17.49
N ASP A 171 -34.11 -7.26 18.70
CA ASP A 171 -35.16 -7.00 19.67
C ASP A 171 -35.07 -5.57 20.11
N MET A 172 -36.19 -4.86 20.04
CA MET A 172 -36.26 -3.53 20.65
C MET A 172 -35.75 -3.56 22.09
N ARG A 173 -35.78 -4.74 22.72
CA ARG A 173 -35.81 -4.79 24.15
C ARG A 173 -34.67 -4.15 24.89
N PRO A 174 -33.43 -4.63 24.78
CA PRO A 174 -32.52 -3.86 25.65
C PRO A 174 -32.54 -2.39 25.17
N LEU A 175 -33.32 -1.60 25.92
CA LEU A 175 -33.68 -0.24 25.53
C LEU A 175 -32.45 0.69 25.42
N SER A 176 -31.38 0.29 26.08
CA SER A 176 -30.06 0.82 25.84
C SER A 176 -29.05 -0.26 26.16
N GLY A 177 -27.81 -0.04 25.79
CA GLY A 177 -26.77 -1.04 25.96
C GLY A 177 -26.93 -2.25 25.06
N GLY A 178 -27.82 -2.17 24.06
CA GLY A 178 -27.99 -3.28 23.16
C GLY A 178 -26.68 -3.51 22.44
N LEU A 179 -26.33 -4.77 22.22
CA LEU A 179 -25.06 -5.10 21.59
C LEU A 179 -25.25 -5.99 20.34
N ILE A 180 -25.00 -5.44 19.16
CA ILE A 180 -24.88 -6.23 17.91
C ILE A 180 -23.41 -6.43 17.64
N ALA A 181 -23.02 -7.59 17.10
CA ALA A 181 -21.60 -7.93 16.90
C ALA A 181 -21.29 -9.00 15.86
N PHE A 182 -20.98 -8.57 14.64
CA PHE A 182 -20.67 -9.47 13.54
C PHE A 182 -19.23 -9.96 13.59
N SER A 183 -19.03 -11.26 13.36
CA SER A 183 -17.70 -11.82 13.22
C SER A 183 -17.60 -12.43 11.83
N THR A 184 -16.53 -12.09 11.12
CA THR A 184 -16.39 -12.41 9.70
C THR A 184 -16.30 -13.91 9.44
N LEU A 185 -15.56 -14.63 10.26
CA LEU A 185 -15.40 -16.06 10.09
C LEU A 185 -16.41 -16.92 10.86
N ASP A 186 -17.29 -16.29 11.64
CA ASP A 186 -18.28 -17.04 12.39
C ASP A 186 -19.22 -17.72 11.39
N GLY A 187 -19.30 -19.05 11.49
CA GLY A 187 -20.13 -19.87 10.57
C GLY A 187 -19.42 -20.50 9.36
N ARG A 188 -18.52 -19.72 8.77
CA ARG A 188 -17.82 -20.09 7.54
C ARG A 188 -17.15 -21.46 7.64
N PRO A 189 -17.53 -22.40 6.76
CA PRO A 189 -17.03 -23.78 6.79
C PRO A 189 -15.52 -23.95 6.88
N SER A 190 -14.79 -23.16 6.10
CA SER A 190 -13.32 -23.26 6.03
C SER A 190 -12.55 -22.40 7.05
N ALA A 191 -13.21 -21.92 8.10
CA ALA A 191 -12.56 -21.01 9.06
C ALA A 191 -11.43 -21.70 9.81
N HIS A 192 -11.63 -22.95 10.18
CA HIS A 192 -10.57 -23.71 10.81
C HIS A 192 -9.32 -23.76 9.95
N ASP A 193 -9.52 -23.94 8.65
CA ASP A 193 -8.46 -23.99 7.64
C ASP A 193 -8.14 -22.58 7.02
N PHE A 194 -8.47 -21.50 7.74
CA PHE A 194 -8.47 -20.13 7.18
C PHE A 194 -7.22 -19.76 6.40
N ASP A 195 -6.04 -20.06 6.94
CA ASP A 195 -4.78 -19.65 6.29
C ASP A 195 -4.46 -20.37 4.96
N ASN A 196 -5.18 -21.45 4.66
CA ASN A 196 -5.17 -22.06 3.33
C ASN A 196 -6.49 -21.91 2.57
N SER A 197 -7.27 -20.87 2.90
CA SER A 197 -8.58 -20.69 2.28
C SER A 197 -8.63 -19.36 1.53
N PRO A 198 -8.29 -19.35 0.23
CA PRO A 198 -8.33 -18.13 -0.57
C PRO A 198 -9.67 -17.41 -0.57
N VAL A 199 -10.74 -18.17 -0.48
CA VAL A 199 -12.12 -17.64 -0.44
C VAL A 199 -12.27 -16.71 0.76
N LEU A 200 -11.91 -17.24 1.93
CA LEU A 200 -11.96 -16.48 3.18
C LEU A 200 -10.88 -15.39 3.31
N GLN A 201 -9.70 -15.61 2.73
CA GLN A 201 -8.65 -14.57 2.62
C GLN A 201 -9.22 -13.28 2.04
N ASP A 202 -9.98 -13.43 0.95
CA ASP A 202 -10.69 -12.32 0.34
C ASP A 202 -11.77 -11.78 1.26
N TRP A 203 -12.57 -12.70 1.80
CA TRP A 203 -13.75 -12.38 2.62
C TRP A 203 -13.49 -11.38 3.72
N VAL A 204 -12.42 -11.60 4.46
CA VAL A 204 -11.98 -10.69 5.52
C VAL A 204 -11.29 -9.40 5.06
N THR A 205 -10.86 -9.34 3.81
CA THR A 205 -10.17 -8.15 3.33
C THR A 205 -11.12 -6.98 3.02
N ALA A 206 -10.77 -5.79 3.52
CA ALA A 206 -11.59 -4.60 3.32
C ALA A 206 -10.83 -3.32 3.62
N THR A 207 -11.21 -2.27 2.92
CA THR A 207 -10.67 -0.94 3.13
C THR A 207 -11.58 -0.06 3.98
N ASP A 208 -12.89 -0.26 3.81
CA ASP A 208 -13.91 0.51 4.52
C ASP A 208 -14.93 -0.43 5.20
N ILE A 209 -15.67 0.12 6.18
CA ILE A 209 -16.78 -0.58 6.84
C ILE A 209 -17.96 0.39 6.91
N ARG A 210 -19.09 0.01 6.32
CA ARG A 210 -20.32 0.80 6.38
C ARG A 210 -21.32 0.05 7.22
N VAL A 211 -22.03 0.80 8.06
CA VAL A 211 -23.07 0.29 8.90
C VAL A 211 -24.34 1.10 8.60
N ALA A 212 -25.33 0.45 7.99
CA ALA A 212 -26.57 1.12 7.57
C ALA A 212 -27.74 0.70 8.44
N PHE A 213 -28.25 1.64 9.25
CA PHE A 213 -29.48 1.44 10.01
C PHE A 213 -30.66 1.83 9.15
N SER A 214 -31.51 0.87 8.81
CA SER A 214 -32.52 1.08 7.75
C SER A 214 -33.95 1.28 8.25
N ARG A 215 -34.31 0.69 9.40
CA ARG A 215 -35.62 0.90 10.05
C ARG A 215 -35.56 0.80 11.57
N LEU A 216 -36.31 1.65 12.28
CA LEU A 216 -36.27 1.65 13.74
C LEU A 216 -37.57 1.34 14.44
N HIS A 217 -37.43 0.65 15.58
CA HIS A 217 -38.52 0.19 16.39
C HIS A 217 -39.30 1.35 17.00
N THR A 218 -40.60 1.12 17.14
CA THR A 218 -41.51 1.97 17.92
C THR A 218 -42.37 1.14 18.89
N PHE A 219 -42.91 1.79 19.91
CA PHE A 219 -43.72 1.11 20.92
C PHE A 219 -45.12 0.81 20.39
N GLY A 220 -45.76 -0.21 20.97
CA GLY A 220 -47.12 -0.63 20.61
C GLY A 220 -48.27 0.35 20.88
N ASP A 221 -48.05 1.31 21.78
CA ASP A 221 -49.02 2.37 22.06
C ASP A 221 -48.77 3.62 21.20
N GLU A 222 -47.71 4.38 21.50
CA GLU A 222 -47.47 5.72 20.90
C GLU A 222 -48.68 6.65 21.10
N ASN A 223 -48.82 7.18 22.30
CA ASN A 223 -50.02 7.98 22.69
C ASN A 223 -50.25 9.18 21.73
N GLU A 224 -51.49 9.69 21.68
CA GLU A 224 -51.87 10.80 20.76
C GLU A 224 -51.40 12.20 21.19
N ASP A 225 -51.44 12.47 22.51
CA ASP A 225 -50.89 13.70 23.10
C ASP A 225 -49.35 13.61 23.15
N ASP A 226 -48.85 12.39 23.26
CA ASP A 226 -47.42 12.09 23.07
C ASP A 226 -46.88 12.32 21.64
N SER A 227 -47.71 12.76 20.70
CA SER A 227 -47.32 12.92 19.30
C SER A 227 -45.91 13.49 19.06
N GLU A 228 -45.65 14.68 19.60
CA GLU A 228 -44.32 15.33 19.47
C GLU A 228 -43.24 14.58 20.26
N LEU A 229 -43.54 14.23 21.50
CA LEU A 229 -42.60 13.56 22.41
C LEU A 229 -42.35 12.07 22.11
N ALA A 230 -43.31 11.42 21.46
CA ALA A 230 -43.15 10.03 21.04
C ALA A 230 -42.27 10.05 19.82
N ARG A 231 -42.58 10.95 18.88
CA ARG A 231 -41.69 11.19 17.72
C ARG A 231 -40.27 11.49 18.21
N ASP A 232 -40.15 12.37 19.21
CA ASP A 232 -38.86 12.69 19.86
C ASP A 232 -38.21 11.58 20.74
N SER A 233 -38.80 10.39 20.78
CA SER A 233 -38.27 9.26 21.52
C SER A 233 -37.58 8.26 20.64
N TYR A 234 -37.68 8.42 19.32
CA TYR A 234 -37.16 7.43 18.38
C TYR A 234 -35.94 7.95 17.63
N PHE A 235 -34.80 7.29 17.85
CA PHE A 235 -33.55 7.61 17.19
C PHE A 235 -32.55 6.46 17.33
N TYR A 236 -31.52 6.50 16.50
CA TYR A 236 -30.41 5.58 16.64
C TYR A 236 -29.35 6.27 17.48
N ALA A 237 -28.72 5.52 18.39
CA ALA A 237 -27.56 6.05 19.11
C ALA A 237 -26.61 4.94 19.54
N VAL A 238 -25.32 5.16 19.30
CA VAL A 238 -24.29 4.16 19.50
C VAL A 238 -23.24 4.77 20.41
N SER A 239 -22.78 4.00 21.40
CA SER A 239 -21.73 4.41 22.32
C SER A 239 -20.37 3.92 21.88
N ASP A 240 -20.27 2.81 21.17
CA ASP A 240 -18.97 2.29 20.82
C ASP A 240 -18.94 1.41 19.60
N LEU A 241 -18.17 1.82 18.63
CA LEU A 241 -18.05 1.11 17.38
C LEU A 241 -16.61 0.61 17.27
N GLN A 242 -16.46 -0.71 17.12
CA GLN A 242 -15.16 -1.35 16.94
C GLN A 242 -15.09 -2.08 15.63
N VAL A 243 -13.89 -2.21 15.09
CA VAL A 243 -13.63 -3.06 13.95
C VAL A 243 -12.32 -3.74 14.27
N GLY A 244 -12.38 -4.98 14.72
CA GLY A 244 -11.18 -5.75 14.98
C GLY A 244 -10.51 -6.14 13.69
N GLY A 245 -9.19 -6.19 13.69
CA GLY A 245 -8.47 -6.62 12.50
C GLY A 245 -7.02 -6.22 12.51
N ARG A 246 -6.32 -6.57 11.43
CA ARG A 246 -4.93 -6.13 11.21
C ARG A 246 -4.70 -5.64 9.79
N CYS A 247 -3.66 -4.82 9.63
CA CYS A 247 -3.16 -4.37 8.32
C CYS A 247 -2.63 -5.48 7.46
N LYS A 248 -2.82 -5.34 6.15
CA LYS A 248 -2.47 -6.42 5.23
C LYS A 248 -1.04 -6.45 4.66
N CYS A 249 -0.13 -5.55 5.05
CA CYS A 249 1.29 -5.61 4.60
C CYS A 249 1.85 -7.02 4.34
N ASN A 250 2.59 -7.17 3.24
CA ASN A 250 2.74 -8.49 2.64
C ASN A 250 3.88 -9.28 3.24
N GLY A 251 3.87 -9.41 4.56
CA GLY A 251 5.00 -9.98 5.26
C GLY A 251 6.18 -9.03 5.38
N HIS A 252 6.00 -7.76 5.01
CA HIS A 252 7.11 -6.80 4.98
C HIS A 252 6.93 -5.67 6.01
N ALA A 253 6.13 -5.89 7.03
CA ALA A 253 5.90 -4.87 8.04
C ALA A 253 5.30 -5.50 9.27
N ALA A 254 5.68 -4.94 10.41
CA ALA A 254 5.12 -5.31 11.69
C ALA A 254 4.30 -4.17 12.26
N ARG A 255 4.28 -3.03 11.58
CA ARG A 255 3.58 -1.86 12.07
C ARG A 255 2.83 -1.29 10.91
N CYS A 256 1.73 -0.63 11.23
CA CYS A 256 1.09 0.31 10.32
C CYS A 256 1.22 1.60 11.07
N VAL A 257 1.41 2.70 10.35
CA VAL A 257 1.59 4.02 10.98
C VAL A 257 1.02 5.11 10.11
N ARG A 258 0.50 6.17 10.70
CA ARG A 258 0.07 7.34 9.91
C ARG A 258 1.35 8.02 9.40
N ASP A 259 1.28 8.69 8.25
CA ASP A 259 2.50 9.15 7.51
C ASP A 259 2.59 10.66 7.27
N ARG A 260 3.49 11.06 6.37
CA ARG A 260 3.55 12.43 5.76
C ARG A 260 2.19 13.09 5.50
N ASP A 261 1.32 12.35 4.81
CA ASP A 261 -0.07 12.77 4.51
C ASP A 261 -1.09 12.51 5.63
N ASP A 262 -0.64 12.08 6.81
CA ASP A 262 -1.53 11.64 7.88
C ASP A 262 -2.57 10.62 7.37
N SER A 263 -2.12 9.72 6.51
CA SER A 263 -2.96 8.65 5.98
C SER A 263 -2.27 7.34 6.37
N LEU A 264 -3.08 6.33 6.67
CA LEU A 264 -2.56 5.10 7.25
C LEU A 264 -1.87 4.25 6.20
N VAL A 265 -0.73 3.69 6.58
CA VAL A 265 0.17 3.03 5.65
C VAL A 265 1.11 2.10 6.43
N CYS A 266 1.56 1.04 5.79
CA CYS A 266 2.47 0.13 6.43
C CYS A 266 3.80 0.82 6.68
N ASP A 267 4.34 0.63 7.89
CA ASP A 267 5.75 0.96 8.21
C ASP A 267 6.56 -0.16 7.58
N CYS A 268 7.04 0.18 6.40
CA CYS A 268 7.35 -0.76 5.35
C CYS A 268 8.83 -1.10 5.44
N ARG A 269 9.14 -2.39 5.38
CA ARG A 269 10.50 -2.89 5.65
C ARG A 269 10.95 -3.86 4.55
N HIS A 270 12.13 -4.46 4.70
CA HIS A 270 12.71 -5.38 3.70
C HIS A 270 13.01 -4.72 2.35
N ASN A 271 13.26 -3.41 2.40
CA ASN A 271 13.43 -2.55 1.22
C ASN A 271 12.25 -2.59 0.27
N THR A 272 11.06 -2.64 0.85
CA THR A 272 9.82 -2.59 0.08
C THR A 272 9.23 -1.21 0.24
N ALA A 273 8.18 -0.96 -0.53
CA ALA A 273 7.56 0.34 -0.60
C ALA A 273 6.12 0.26 -1.05
N GLY A 274 5.45 1.40 -1.00
CA GLY A 274 4.03 1.49 -1.26
C GLY A 274 3.24 1.28 0.03
N PRO A 275 1.94 1.54 -0.03
CA PRO A 275 1.16 1.46 1.17
C PRO A 275 0.96 0.03 1.66
N GLU A 276 0.83 -0.94 0.74
CA GLU A 276 0.61 -2.33 1.12
C GLU A 276 1.94 -3.08 1.25
N CYS A 277 3.07 -2.40 1.02
CA CYS A 277 4.39 -3.06 0.86
C CYS A 277 4.47 -4.06 -0.33
N ASP A 278 3.75 -3.75 -1.41
CA ASP A 278 3.51 -4.67 -2.54
C ASP A 278 4.52 -4.50 -3.68
N ARG A 279 5.43 -3.55 -3.53
CA ARG A 279 6.47 -3.24 -4.51
C ARG A 279 7.78 -2.86 -3.83
N CYS A 280 8.82 -2.68 -4.64
CA CYS A 280 10.17 -2.37 -4.13
C CYS A 280 10.46 -0.89 -4.05
N LYS A 281 11.39 -0.57 -3.15
CA LYS A 281 11.84 0.79 -2.93
C LYS A 281 12.80 1.19 -4.06
N PRO A 282 12.80 2.48 -4.44
CA PRO A 282 13.82 3.02 -5.32
C PRO A 282 15.22 2.48 -5.12
N PHE A 283 15.86 2.19 -6.25
CA PHE A 283 17.19 1.60 -6.35
C PHE A 283 17.30 0.18 -5.74
N HIS A 284 16.17 -0.57 -5.67
CA HIS A 284 16.19 -1.93 -5.09
C HIS A 284 15.52 -2.98 -6.00
N TYR A 285 15.87 -2.89 -7.28
CA TYR A 285 15.23 -3.67 -8.31
C TYR A 285 16.14 -4.74 -8.94
N ASP A 286 16.96 -5.40 -8.15
CA ASP A 286 17.82 -6.46 -8.67
C ASP A 286 17.07 -7.78 -8.80
N ARG A 287 16.05 -8.01 -7.96
CA ARG A 287 15.14 -9.14 -8.11
C ARG A 287 13.71 -8.68 -7.91
N PRO A 288 12.73 -9.41 -8.50
CA PRO A 288 11.36 -8.90 -8.54
C PRO A 288 10.63 -9.11 -7.21
N TRP A 289 9.63 -8.28 -6.96
CA TRP A 289 8.94 -8.23 -5.67
C TRP A 289 8.12 -9.51 -5.37
N GLN A 290 8.02 -9.90 -4.07
CA GLN A 290 7.15 -11.01 -3.61
C GLN A 290 6.60 -10.84 -2.15
N ARG A 291 5.40 -11.40 -1.83
CA ARG A 291 4.93 -11.50 -0.37
C ARG A 291 6.02 -12.34 0.30
N ALA A 292 6.50 -11.92 1.46
CA ALA A 292 7.39 -12.74 2.24
C ALA A 292 6.63 -13.98 2.72
N THR A 293 7.22 -15.16 2.58
CA THR A 293 6.55 -16.42 2.93
C THR A 293 7.09 -16.99 4.23
N ALA A 294 6.49 -18.10 4.62
CA ALA A 294 6.91 -18.90 5.76
C ALA A 294 8.39 -19.18 5.76
N ARG A 295 8.88 -19.73 4.64
CA ARG A 295 10.29 -20.10 4.49
C ARG A 295 11.20 -18.91 4.16
N GLU A 296 10.74 -18.03 3.27
CA GLU A 296 11.61 -17.02 2.66
C GLU A 296 11.12 -15.60 2.93
N ALA A 297 12.06 -14.69 3.20
CA ALA A 297 11.73 -13.28 3.43
C ALA A 297 11.44 -12.51 2.14
N ASN A 298 12.11 -12.87 1.04
CA ASN A 298 11.96 -12.20 -0.28
C ASN A 298 12.13 -10.66 -0.27
N GLU A 299 12.98 -10.19 0.64
CA GLU A 299 13.52 -8.82 0.69
C GLU A 299 14.03 -8.47 -0.68
N CYS A 300 13.47 -7.49 -1.35
CA CYS A 300 14.04 -7.17 -2.64
C CYS A 300 15.32 -6.36 -2.43
N VAL A 301 16.34 -6.66 -3.27
CA VAL A 301 17.75 -6.27 -2.99
C VAL A 301 18.15 -5.04 -3.77
N ALA A 302 19.26 -4.46 -3.36
CA ALA A 302 19.73 -3.20 -3.90
C ALA A 302 20.55 -3.49 -5.12
N CYS A 303 20.11 -2.96 -6.27
CA CYS A 303 20.87 -3.09 -7.53
C CYS A 303 22.20 -2.31 -7.43
N ASN A 304 23.22 -2.82 -8.14
CA ASN A 304 24.58 -2.23 -8.16
C ASN A 304 24.87 -1.40 -9.43
N CYS A 305 25.23 -0.13 -9.23
CA CYS A 305 25.64 0.78 -10.32
C CYS A 305 27.03 1.38 -10.11
N ASN A 306 27.85 0.66 -9.35
CA ASN A 306 29.24 1.02 -9.05
C ASN A 306 29.44 2.52 -8.76
N LEU A 307 28.46 3.10 -8.07
CA LEU A 307 28.42 4.52 -7.70
C LEU A 307 28.47 5.46 -8.91
N HIS A 308 27.87 5.03 -10.02
CA HIS A 308 27.82 5.85 -11.25
C HIS A 308 26.41 6.29 -11.69
N ALA A 309 25.39 5.47 -11.41
CA ALA A 309 23.99 5.78 -11.76
C ALA A 309 23.12 6.08 -10.53
N ARG A 310 22.24 7.07 -10.67
CA ARG A 310 21.31 7.47 -9.60
C ARG A 310 20.10 6.51 -9.53
N ARG A 311 19.56 6.09 -10.68
CA ARG A 311 18.39 5.19 -10.76
C ARG A 311 18.73 3.83 -11.36
N CYS A 312 17.82 2.87 -11.25
CA CYS A 312 17.99 1.56 -11.85
C CYS A 312 16.62 0.95 -12.16
N ARG A 313 16.57 0.01 -13.11
CA ARG A 313 15.34 -0.64 -13.62
C ARG A 313 15.54 -2.16 -13.70
N PHE A 314 14.45 -2.91 -13.49
CA PHE A 314 14.52 -4.37 -13.53
C PHE A 314 14.37 -4.86 -14.96
N ASN A 315 15.09 -5.93 -15.27
CA ASN A 315 15.06 -6.55 -16.59
C ASN A 315 15.09 -8.06 -16.36
N MET A 316 14.15 -8.75 -16.99
CA MET A 316 13.97 -10.17 -16.76
C MET A 316 14.99 -11.00 -17.52
N GLU A 317 15.36 -10.55 -18.71
CA GLU A 317 16.33 -11.24 -19.57
C GLU A 317 17.61 -11.43 -18.77
N LEU A 318 18.18 -10.32 -18.32
CA LEU A 318 19.39 -10.31 -17.49
C LEU A 318 19.18 -11.17 -16.24
N TYR A 319 18.05 -10.96 -15.57
CA TYR A 319 17.72 -11.72 -14.38
C TYR A 319 17.78 -13.22 -14.66
N LYS A 320 17.17 -13.62 -15.76
CA LYS A 320 17.11 -15.04 -16.13
C LYS A 320 18.47 -15.63 -16.54
N LEU A 321 19.35 -14.79 -17.12
CA LEU A 321 20.67 -15.25 -17.59
C LEU A 321 21.66 -15.54 -16.48
N SER A 322 21.63 -14.72 -15.43
CA SER A 322 22.21 -15.12 -14.14
C SER A 322 21.28 -16.20 -13.59
N GLY A 323 21.73 -16.99 -12.63
CA GLY A 323 20.88 -18.05 -12.06
C GLY A 323 19.73 -17.53 -11.20
N ARG A 324 18.96 -16.58 -11.74
CA ARG A 324 17.98 -15.77 -10.99
C ARG A 324 18.59 -14.94 -9.85
N LYS A 325 19.86 -14.53 -9.97
CA LYS A 325 20.53 -13.76 -8.92
C LYS A 325 20.36 -12.27 -9.11
N SER A 326 20.79 -11.73 -10.23
CA SER A 326 20.66 -10.27 -10.45
C SER A 326 20.07 -9.89 -11.80
N GLY A 327 19.20 -8.86 -11.78
CA GLY A 327 18.56 -8.29 -13.00
C GLY A 327 18.41 -6.77 -13.04
N GLY A 328 19.21 -6.07 -12.24
CA GLY A 328 19.12 -4.61 -12.15
C GLY A 328 19.88 -4.03 -13.31
N VAL A 329 19.38 -2.93 -13.85
CA VAL A 329 19.95 -2.27 -15.01
C VAL A 329 20.03 -0.79 -14.74
N CYS A 330 21.23 -0.29 -14.50
CA CYS A 330 21.45 1.10 -14.14
C CYS A 330 21.21 2.01 -15.30
N LEU A 331 20.86 3.25 -15.03
CA LEU A 331 20.31 4.14 -16.07
C LEU A 331 21.00 5.49 -16.14
N ASN A 332 21.06 6.04 -17.36
CA ASN A 332 21.75 7.33 -17.67
C ASN A 332 23.10 7.30 -16.98
N CYS A 333 23.84 6.24 -17.30
CA CYS A 333 24.94 5.83 -16.47
C CYS A 333 26.16 6.80 -16.63
N ARG A 334 26.43 7.55 -15.57
CA ARG A 334 27.23 8.76 -15.62
C ARG A 334 28.75 8.47 -15.58
N HIS A 335 29.55 9.48 -15.93
CA HIS A 335 31.02 9.52 -15.79
C HIS A 335 31.74 8.63 -16.83
N ASN A 336 31.21 8.62 -18.05
CA ASN A 336 31.75 7.81 -19.19
C ASN A 336 31.95 6.31 -18.90
N THR A 337 30.97 5.76 -18.18
CA THR A 337 30.84 4.32 -17.97
C THR A 337 29.56 3.93 -18.69
N ALA A 338 29.43 2.65 -18.99
CA ALA A 338 28.15 2.12 -19.49
C ALA A 338 28.03 0.65 -19.13
N GLY A 339 26.81 0.14 -19.25
CA GLY A 339 26.48 -1.25 -18.96
C GLY A 339 25.38 -1.43 -17.93
N ARG A 340 24.90 -2.66 -17.87
CA ARG A 340 24.09 -3.17 -16.77
C ARG A 340 24.45 -2.56 -15.39
N HIS A 341 25.65 -2.82 -14.90
CA HIS A 341 26.07 -2.39 -13.57
C HIS A 341 27.12 -1.26 -13.62
N CYS A 342 27.32 -0.68 -14.80
CA CYS A 342 28.30 0.40 -15.03
C CYS A 342 29.75 0.02 -14.71
N HIS A 343 30.05 -1.26 -14.96
CA HIS A 343 31.27 -1.95 -14.52
C HIS A 343 32.41 -1.85 -15.53
N TYR A 344 32.12 -1.45 -16.75
CA TYR A 344 33.15 -1.32 -17.79
C TYR A 344 33.04 0.08 -18.38
N CYS A 345 34.04 0.45 -19.18
CA CYS A 345 34.14 1.80 -19.73
C CYS A 345 33.43 1.98 -21.09
N LYS A 346 32.80 3.14 -21.23
CA LYS A 346 32.13 3.61 -22.46
C LYS A 346 33.01 3.38 -23.67
N GLU A 347 32.46 3.01 -24.81
CA GLU A 347 33.33 2.78 -25.96
C GLU A 347 34.09 4.05 -26.33
N GLY A 348 35.38 3.88 -26.62
CA GLY A 348 36.31 4.99 -26.83
C GLY A 348 36.84 5.60 -25.55
N TYR A 349 36.90 4.80 -24.48
CA TYR A 349 37.54 5.13 -23.20
C TYR A 349 38.13 3.84 -22.68
N TYR A 350 38.94 3.93 -21.63
CA TYR A 350 39.58 2.73 -21.05
C TYR A 350 39.85 2.95 -19.57
N ARG A 351 39.87 1.89 -18.77
CA ARG A 351 40.03 2.10 -17.34
C ARG A 351 41.39 2.48 -16.78
N ASP A 352 41.44 3.67 -16.22
CA ASP A 352 42.64 4.18 -15.59
C ASP A 352 42.67 3.25 -14.39
N MET A 353 43.49 2.21 -14.47
CA MET A 353 43.68 1.33 -13.34
C MET A 353 44.30 2.03 -12.15
N GLY A 354 44.56 1.29 -11.08
CA GLY A 354 45.08 1.91 -9.86
C GLY A 354 43.96 2.71 -9.21
N LYS A 355 43.41 3.68 -9.94
CA LYS A 355 42.14 4.32 -9.55
C LYS A 355 41.04 3.25 -9.67
N PRO A 356 40.33 2.97 -8.55
CA PRO A 356 39.46 1.80 -8.49
C PRO A 356 38.17 1.99 -9.29
N ILE A 357 37.53 0.87 -9.62
CA ILE A 357 36.37 0.83 -10.53
C ILE A 357 35.21 1.78 -10.20
N THR A 358 35.08 2.06 -8.91
CA THR A 358 33.98 2.83 -8.34
C THR A 358 34.20 4.36 -8.50
N HIS A 359 35.46 4.79 -8.71
CA HIS A 359 35.87 6.20 -8.69
C HIS A 359 35.41 6.99 -9.94
N ARG A 360 35.06 8.27 -9.74
CA ARG A 360 34.60 9.22 -10.78
C ARG A 360 35.51 9.37 -12.01
N LYS A 361 36.81 9.18 -11.81
CA LYS A 361 37.80 9.20 -12.89
C LYS A 361 38.47 7.84 -12.96
N ALA A 362 37.64 6.82 -13.16
CA ALA A 362 38.10 5.44 -13.37
C ALA A 362 38.14 5.08 -14.83
N CYS A 363 37.66 5.95 -15.71
CA CYS A 363 37.78 5.77 -17.15
C CYS A 363 38.47 7.00 -17.70
N LYS A 364 39.68 6.81 -18.24
CA LYS A 364 40.34 7.88 -19.00
C LYS A 364 39.96 7.76 -20.49
N ALA A 365 39.94 8.91 -21.16
CA ALA A 365 39.65 9.00 -22.59
C ALA A 365 40.70 8.27 -23.42
N CYS A 366 40.33 7.98 -24.65
CA CYS A 366 41.05 7.03 -25.46
C CYS A 366 42.24 7.68 -26.11
N ASP A 367 41.95 8.71 -26.90
CA ASP A 367 42.95 9.54 -27.57
C ASP A 367 43.98 8.74 -28.42
N CYS A 368 43.53 8.32 -29.58
CA CYS A 368 44.36 7.62 -30.53
C CYS A 368 45.05 8.63 -31.42
N HIS A 369 46.16 8.20 -32.02
CA HIS A 369 46.93 9.04 -32.90
C HIS A 369 46.18 9.16 -34.22
N PRO A 370 45.87 10.39 -34.67
CA PRO A 370 44.90 10.60 -35.75
C PRO A 370 45.32 10.14 -37.15
N VAL A 371 46.54 9.64 -37.32
CA VAL A 371 46.96 8.95 -38.55
C VAL A 371 47.69 7.65 -38.35
N GLY A 372 47.88 7.23 -37.11
CA GLY A 372 48.76 6.10 -36.78
C GLY A 372 47.92 4.89 -36.53
N ALA A 373 46.90 5.06 -35.69
CA ALA A 373 45.85 4.07 -35.44
C ALA A 373 44.71 4.11 -36.48
N ALA A 374 44.14 2.94 -36.74
CA ALA A 374 43.00 2.81 -37.64
C ALA A 374 41.71 3.34 -37.03
N GLY A 375 41.57 3.22 -35.71
CA GLY A 375 40.30 3.47 -35.03
C GLY A 375 40.37 4.24 -33.73
N LYS A 376 39.28 4.92 -33.41
CA LYS A 376 39.17 5.70 -32.17
C LYS A 376 39.01 4.86 -30.90
N THR A 377 38.50 3.63 -31.01
CA THR A 377 38.14 2.85 -29.83
C THR A 377 39.33 2.04 -29.34
N CYS A 378 39.81 2.30 -28.12
CA CYS A 378 40.92 1.53 -27.52
C CYS A 378 40.41 0.21 -27.00
N ASN A 379 41.31 -0.54 -26.40
CA ASN A 379 40.97 -1.64 -25.52
C ASN A 379 40.51 -1.04 -24.17
N GLN A 380 39.37 -1.50 -23.63
CA GLN A 380 38.78 -1.00 -22.35
C GLN A 380 39.77 -1.11 -21.19
N THR A 381 40.52 -2.19 -21.23
CA THR A 381 41.64 -2.40 -20.33
C THR A 381 42.89 -2.29 -21.19
N THR A 382 43.93 -1.64 -20.68
CA THR A 382 45.20 -1.34 -21.40
C THR A 382 45.18 -0.17 -22.38
N GLY A 383 44.00 0.36 -22.73
CA GLY A 383 43.87 1.53 -23.61
C GLY A 383 44.54 1.52 -24.97
N GLN A 384 44.95 0.34 -25.44
CA GLN A 384 45.73 0.24 -26.66
C GLN A 384 44.81 0.56 -27.82
N CYS A 385 45.12 1.63 -28.57
CA CYS A 385 44.36 1.91 -29.77
C CYS A 385 44.59 0.80 -30.83
N PRO A 386 43.68 0.67 -31.82
CA PRO A 386 43.89 -0.32 -32.86
C PRO A 386 44.84 0.24 -33.93
N CYS A 387 46.09 -0.21 -33.86
CA CYS A 387 47.17 0.34 -34.68
C CYS A 387 47.10 -0.17 -36.11
N LYS A 388 47.53 0.69 -37.05
CA LYS A 388 47.72 0.28 -38.44
C LYS A 388 49.00 -0.54 -38.62
N ASP A 389 49.14 -1.14 -39.81
CA ASP A 389 50.25 -2.03 -40.15
C ASP A 389 51.61 -1.38 -39.89
N GLY A 390 52.41 -2.03 -39.06
CA GLY A 390 53.73 -1.54 -38.73
C GLY A 390 53.73 -0.31 -37.83
N VAL A 391 52.69 -0.19 -37.00
CA VAL A 391 52.61 0.84 -35.96
C VAL A 391 52.42 0.12 -34.62
N THR A 392 53.07 0.59 -33.56
CA THR A 392 52.80 0.10 -32.20
C THR A 392 52.79 1.27 -31.23
N GLY A 393 52.64 0.95 -29.94
CA GLY A 393 52.51 1.93 -28.89
C GLY A 393 51.05 2.07 -28.53
N ILE A 394 50.77 2.43 -27.29
CA ILE A 394 49.40 2.51 -26.79
C ILE A 394 48.57 3.52 -27.61
N THR A 395 49.18 4.67 -27.93
CA THR A 395 48.58 5.67 -28.82
C THR A 395 48.71 5.35 -30.33
N CYS A 396 49.52 4.36 -30.68
CA CYS A 396 49.91 4.05 -32.08
C CYS A 396 50.55 5.26 -32.71
N ASN A 397 51.66 5.69 -32.09
CA ASN A 397 52.45 6.82 -32.58
C ASN A 397 53.93 6.48 -32.57
N ARG A 398 54.26 5.39 -33.25
CA ARG A 398 55.64 5.04 -33.59
C ARG A 398 55.59 3.81 -34.49
N CYS A 399 56.46 3.74 -35.49
CA CYS A 399 56.59 2.53 -36.30
C CYS A 399 57.21 1.40 -35.48
N ALA A 400 56.98 0.18 -35.94
CA ALA A 400 57.44 -0.99 -35.24
C ALA A 400 58.94 -1.25 -35.48
N LYS A 401 59.43 -2.36 -34.91
CA LYS A 401 60.75 -2.92 -35.24
C LYS A 401 60.64 -3.54 -36.65
N GLY A 402 61.46 -3.04 -37.56
CA GLY A 402 61.39 -3.39 -38.98
C GLY A 402 60.85 -2.27 -39.86
N TYR A 403 60.15 -1.31 -39.27
CA TYR A 403 59.37 -0.33 -40.05
C TYR A 403 59.89 1.08 -39.94
N GLN A 404 59.86 1.79 -41.07
CA GLN A 404 60.20 3.21 -41.15
C GLN A 404 58.93 3.95 -41.48
N GLN A 405 58.91 5.23 -41.17
CA GLN A 405 57.82 6.13 -41.58
C GLN A 405 57.70 6.26 -43.10
N SER A 406 56.50 6.58 -43.59
CA SER A 406 56.22 6.83 -45.02
C SER A 406 55.84 8.28 -45.24
N ARG A 407 55.73 8.67 -46.51
CA ARG A 407 55.28 10.04 -46.86
C ARG A 407 53.76 10.12 -46.95
N SER A 408 53.05 8.97 -46.88
CA SER A 408 51.59 8.90 -46.99
C SER A 408 50.93 8.80 -45.62
N PRO A 409 49.87 9.59 -45.37
CA PRO A 409 49.17 9.43 -44.09
C PRO A 409 48.36 8.11 -43.96
N ILE A 410 47.94 7.55 -45.09
CA ILE A 410 47.12 6.32 -45.12
C ILE A 410 47.87 5.11 -44.59
N ALA A 411 49.03 4.84 -45.19
CA ALA A 411 49.91 3.73 -44.79
C ALA A 411 51.24 4.36 -44.34
N PRO A 412 51.29 4.85 -43.10
CA PRO A 412 52.41 5.66 -42.65
C PRO A 412 53.59 4.86 -42.10
N CYS A 413 53.53 3.52 -42.09
CA CYS A 413 54.72 2.70 -41.78
C CYS A 413 54.82 1.52 -42.77
N ILE A 414 56.05 1.24 -43.23
CA ILE A 414 56.27 0.54 -44.53
C ILE A 414 57.35 -0.55 -44.69
N LYS A 415 58.37 -0.59 -43.82
CA LYS A 415 59.58 -1.48 -43.95
C LYS A 415 60.79 -0.72 -44.50
N MET B 1 60.33 5.04 -29.25
CA MET B 1 61.53 5.91 -29.47
C MET B 1 61.29 6.94 -30.61
N PRO B 2 61.58 6.59 -31.90
CA PRO B 2 61.28 7.62 -32.90
C PRO B 2 59.79 7.69 -33.16
N THR B 3 59.16 8.78 -32.70
CA THR B 3 57.72 9.03 -32.86
C THR B 3 57.40 9.44 -34.32
N LEU B 4 56.11 9.50 -34.67
CA LEU B 4 55.67 9.96 -36.00
C LEU B 4 55.82 11.46 -36.22
N ASP B 5 56.55 11.79 -37.28
CA ASP B 5 56.77 13.15 -37.73
C ASP B 5 55.57 13.56 -38.61
N MET B 6 54.80 14.54 -38.15
CA MET B 6 53.64 15.05 -38.91
C MET B 6 54.01 15.88 -40.14
N ALA B 7 55.10 16.63 -40.04
CA ALA B 7 55.63 17.43 -41.15
C ALA B 7 56.08 16.59 -42.37
N LEU B 8 56.56 15.38 -42.11
CA LEU B 8 57.10 14.50 -43.16
C LEU B 8 56.05 14.02 -44.17
N PHE B 9 54.80 13.88 -43.75
CA PHE B 9 53.74 13.37 -44.64
C PHE B 9 53.44 14.37 -45.76
N ASP B 10 53.30 13.84 -46.99
CA ASP B 10 52.81 14.61 -48.15
C ASP B 10 51.26 14.57 -48.18
N TRP B 11 50.64 15.71 -47.88
CA TRP B 11 49.16 15.82 -47.77
C TRP B 11 48.47 16.42 -49.00
N THR B 12 49.18 16.65 -50.10
CA THR B 12 48.60 17.29 -51.29
C THR B 12 47.37 16.52 -51.83
N ASP B 13 47.45 15.19 -51.76
CA ASP B 13 46.28 14.29 -51.84
C ASP B 13 45.89 13.98 -50.41
N TYR B 14 44.59 13.84 -50.14
CA TYR B 14 44.07 13.74 -48.76
C TYR B 14 44.23 15.09 -48.03
N GLU B 15 43.78 16.15 -48.71
CA GLU B 15 43.97 17.56 -48.29
C GLU B 15 43.35 17.85 -46.91
N ASP B 16 42.18 17.24 -46.70
CA ASP B 16 41.33 17.45 -45.53
C ASP B 16 41.75 16.80 -44.18
N LEU B 17 42.51 15.69 -44.21
CA LEU B 17 42.93 15.01 -42.97
C LEU B 17 44.02 15.73 -42.15
N LYS B 18 44.78 16.64 -42.79
CA LYS B 18 45.90 17.37 -42.14
C LYS B 18 45.51 17.91 -40.76
N PRO B 19 46.26 17.55 -39.69
CA PRO B 19 45.85 17.94 -38.33
C PRO B 19 46.10 19.43 -37.98
#